data_8JDU
#
_entry.id   8JDU
#
_cell.length_a   81.727
_cell.length_b   102.960
_cell.length_c   122.278
_cell.angle_alpha   90.00
_cell.angle_beta   90.00
_cell.angle_gamma   90.00
#
_symmetry.space_group_name_H-M   'I 2 2 2'
#
loop_
_entity.id
_entity.type
_entity.pdbx_description
1 polymer 'Probable D-lactate dehydrogenase, mitochondrial'
2 non-polymer 'FLAVIN-ADENINE DINUCLEOTIDE'
3 non-polymer 'MANGANESE (II) ION'
4 non-polymer '2-oxopentanoic acid'
5 water water
#
_entity_poly.entity_id   1
_entity_poly.type   'polypeptide(L)'
_entity_poly.pdbx_seq_one_letter_code
;WSHPQFEKGSQGGLSQDFVEALKAVVGSPHVSTASAVREQHGHDESMHRCQPPDAVVWPQNVDQVSRVASLCYNQGVPII
PFGTGTGVEGGVCAVQGGVCINLTHMDQITELNTEDFSVVVEPGVTRKALNTHLRDSGLWFPVDPGADASLCGMAATGAS
GTNAVRYGTMRDNVINLEVVLPDGRLLHTAGRGRHYRKSAAGYNLTGLFVGSEGTLGIITSTTLRLHPAPEATVAATCAF
PSVQAAVDSTVQILQAAVPVARIEFLDDVMMDACNRHSKLNCPVAPTLFLEFHGSQQTLAEQLQRTEAITQDNGGSHFSW
AKEAEKRNELWAARHNAWYAALALSPGSKAYSTDVCVPISRLPEILVETKEEIKASKLTGAIVGHVGDGNFHCILLVDPD
DAEEQRRVKAFAENLGRRALALGGTCTGEHGIGLGKRQLLQEEVGPVGVETMRQLKNTLDPRGLMNPGKVL
;
_entity_poly.pdbx_strand_id   A
#
loop_
_chem_comp.id
_chem_comp.type
_chem_comp.name
_chem_comp.formula
69O non-polymer '2-oxopentanoic acid' 'C5 H8 O3'
FAD non-polymer 'FLAVIN-ADENINE DINUCLEOTIDE' 'C27 H33 N9 O15 P2'
MN non-polymer 'MANGANESE (II) ION' 'Mn 2'
#
# COMPACT_ATOMS: atom_id res chain seq x y z
N LEU A 14 -17.17 26.98 -4.10
CA LEU A 14 -15.97 27.32 -4.86
C LEU A 14 -16.33 28.33 -5.98
N SER A 15 -15.70 29.51 -5.97
CA SER A 15 -16.21 30.64 -6.76
C SER A 15 -15.84 30.51 -8.24
N GLN A 16 -16.60 31.22 -9.08
CA GLN A 16 -16.37 31.14 -10.52
C GLN A 16 -15.04 31.75 -10.93
N ASP A 17 -14.61 32.80 -10.23
CA ASP A 17 -13.30 33.38 -10.50
C ASP A 17 -12.19 32.39 -10.19
N PHE A 18 -12.35 31.58 -9.13
CA PHE A 18 -11.34 30.59 -8.81
C PHE A 18 -11.28 29.50 -9.86
N VAL A 19 -12.44 29.02 -10.34
CA VAL A 19 -12.46 27.99 -11.37
C VAL A 19 -11.76 28.48 -12.62
N GLU A 20 -12.08 29.70 -13.06
CA GLU A 20 -11.43 30.21 -14.26
C GLU A 20 -9.93 30.33 -14.07
N ALA A 21 -9.47 30.65 -12.85
CA ALA A 21 -8.04 30.68 -12.59
C ALA A 21 -7.40 29.30 -12.75
N LEU A 22 -8.09 28.26 -12.28
CA LEU A 22 -7.59 26.89 -12.45
C LEU A 22 -7.53 26.54 -13.94
N LYS A 23 -8.56 26.90 -14.69
CA LYS A 23 -8.57 26.61 -16.12
C LYS A 23 -7.47 27.35 -16.84
N ALA A 24 -7.10 28.55 -16.37
CA ALA A 24 -6.00 29.27 -16.98
C ALA A 24 -4.68 28.53 -16.84
N VAL A 25 -4.51 27.73 -15.78
CA VAL A 25 -3.25 26.98 -15.60
C VAL A 25 -3.24 25.72 -16.46
N VAL A 26 -4.26 24.87 -16.32
CA VAL A 26 -4.21 23.53 -16.90
C VAL A 26 -5.01 23.40 -18.19
N GLY A 27 -5.88 24.34 -18.49
CA GLY A 27 -6.71 24.16 -19.67
C GLY A 27 -8.12 23.76 -19.31
N SER A 28 -9.08 24.32 -20.05
CA SER A 28 -10.49 24.07 -19.76
C SER A 28 -10.85 22.60 -19.69
N PRO A 29 -10.39 21.71 -20.59
CA PRO A 29 -10.78 20.30 -20.49
C PRO A 29 -10.24 19.60 -19.24
N HIS A 30 -9.26 20.19 -18.54
CA HIS A 30 -8.60 19.53 -17.42
C HIS A 30 -9.07 20.04 -16.06
N VAL A 31 -10.22 20.73 -16.02
CA VAL A 31 -10.86 21.16 -14.78
C VAL A 31 -12.32 20.72 -14.84
N SER A 32 -12.80 20.08 -13.78
CA SER A 32 -14.20 19.70 -13.77
C SER A 32 -14.83 19.99 -12.43
N THR A 33 -16.00 20.64 -12.47
CA THR A 33 -16.86 20.78 -11.31
C THR A 33 -18.15 19.95 -11.42
N ALA A 34 -18.24 19.05 -12.40
CA ALA A 34 -19.41 18.21 -12.54
C ALA A 34 -19.54 17.23 -11.38
N SER A 35 -20.76 17.11 -10.85
CA SER A 35 -20.99 16.26 -9.68
C SER A 35 -20.52 14.82 -9.91
N ALA A 36 -20.81 14.25 -11.07
CA ALA A 36 -20.43 12.86 -11.31
C ALA A 36 -18.92 12.68 -11.27
N VAL A 37 -18.18 13.62 -11.87
CA VAL A 37 -16.73 13.52 -11.92
C VAL A 37 -16.14 13.72 -10.52
N ARG A 38 -16.74 14.61 -9.74
CA ARG A 38 -16.28 14.81 -8.38
C ARG A 38 -16.58 13.60 -7.50
N GLU A 39 -17.76 12.99 -7.66
CA GLU A 39 -18.07 11.81 -6.87
C GLU A 39 -17.11 10.66 -7.17
N GLN A 40 -16.69 10.51 -8.44
CA GLN A 40 -15.75 9.46 -8.82
C GLN A 40 -14.39 9.64 -8.15
N HIS A 41 -14.06 10.87 -7.75
CA HIS A 41 -12.78 11.18 -7.11
C HIS A 41 -12.94 11.46 -5.63
N GLY A 42 -14.09 11.14 -5.04
CA GLY A 42 -14.34 11.41 -3.64
C GLY A 42 -14.21 10.20 -2.74
N HIS A 43 -13.74 9.09 -3.29
CA HIS A 43 -13.63 7.87 -2.51
C HIS A 43 -12.49 7.05 -3.09
N ASP A 44 -12.03 6.10 -2.29
CA ASP A 44 -11.08 5.12 -2.80
C ASP A 44 -11.72 3.74 -2.73
N GLU A 45 -10.93 2.71 -2.45
CA GLU A 45 -11.50 1.37 -2.34
C GLU A 45 -12.00 1.05 -0.93
N SER A 46 -11.83 1.95 0.03
CA SER A 46 -12.24 1.72 1.42
C SER A 46 -13.76 1.92 1.59
N MET A 47 -14.27 1.44 2.73
CA MET A 47 -15.65 1.70 3.12
C MET A 47 -15.90 3.14 3.55
N HIS A 48 -14.87 3.99 3.63
CA HIS A 48 -15.12 5.36 4.04
C HIS A 48 -16.06 6.05 3.06
N ARG A 49 -17.17 6.56 3.59
CA ARG A 49 -18.14 7.36 2.85
C ARG A 49 -17.47 8.35 1.90
N CYS A 50 -17.98 8.35 0.67
CA CYS A 50 -17.50 9.25 -0.37
C CYS A 50 -17.77 10.70 0.01
N GLN A 51 -16.73 11.51 -0.05
CA GLN A 51 -16.85 12.95 0.22
C GLN A 51 -16.25 13.66 -0.98
N PRO A 52 -17.08 14.23 -1.85
CA PRO A 52 -16.60 14.69 -3.14
C PRO A 52 -15.86 16.00 -3.00
N PRO A 53 -14.73 16.13 -3.69
CA PRO A 53 -14.07 17.43 -3.78
C PRO A 53 -14.97 18.42 -4.51
N ASP A 54 -14.63 19.70 -4.36
CA ASP A 54 -15.39 20.73 -5.07
C ASP A 54 -15.00 20.83 -6.54
N ALA A 55 -13.81 20.38 -6.90
CA ALA A 55 -13.39 20.34 -8.29
C ALA A 55 -12.34 19.26 -8.42
N VAL A 56 -12.16 18.79 -9.65
CA VAL A 56 -11.05 17.91 -10.01
C VAL A 56 -10.22 18.59 -11.08
N VAL A 57 -8.90 18.53 -10.95
CA VAL A 57 -7.98 19.18 -11.86
C VAL A 57 -6.91 18.17 -12.27
N TRP A 58 -6.59 18.11 -13.56
CA TRP A 58 -5.56 17.23 -14.11
C TRP A 58 -4.39 18.08 -14.64
N PRO A 59 -3.39 18.39 -13.81
CA PRO A 59 -2.22 19.10 -14.35
C PRO A 59 -1.46 18.26 -15.35
N GLN A 60 -0.90 18.93 -16.36
CA GLN A 60 -0.23 18.25 -17.46
C GLN A 60 1.29 18.19 -17.34
N ASN A 61 1.87 18.98 -16.43
CA ASN A 61 3.30 18.95 -16.18
C ASN A 61 3.53 19.57 -14.81
N VAL A 62 4.78 19.51 -14.36
CA VAL A 62 5.09 19.90 -12.97
C VAL A 62 4.91 21.41 -12.76
N ASP A 63 5.19 22.23 -13.79
CA ASP A 63 4.92 23.66 -13.66
C ASP A 63 3.43 23.91 -13.36
N GLN A 64 2.54 23.16 -14.02
CA GLN A 64 1.13 23.30 -13.71
C GLN A 64 0.78 22.80 -12.32
N VAL A 65 1.41 21.70 -11.86
CA VAL A 65 1.17 21.27 -10.49
C VAL A 65 1.54 22.37 -9.50
N SER A 66 2.71 22.98 -9.71
CA SER A 66 3.15 24.06 -8.84
C SER A 66 2.17 25.22 -8.86
N ARG A 67 1.70 25.60 -10.04
CA ARG A 67 0.82 26.75 -10.14
C ARG A 67 -0.59 26.46 -9.60
N VAL A 68 -1.09 25.22 -9.75
CA VAL A 68 -2.36 24.87 -9.13
C VAL A 68 -2.22 24.89 -7.61
N ALA A 69 -1.13 24.32 -7.09
CA ALA A 69 -0.95 24.28 -5.64
C ALA A 69 -0.87 25.70 -5.08
N SER A 70 -0.09 26.56 -5.73
CA SER A 70 0.03 27.95 -5.28
C SER A 70 -1.32 28.65 -5.28
N LEU A 71 -2.11 28.44 -6.34
CA LEU A 71 -3.43 29.05 -6.42
C LEU A 71 -4.32 28.60 -5.26
N CYS A 72 -4.40 27.28 -5.03
CA CYS A 72 -5.22 26.76 -3.95
C CYS A 72 -4.72 27.24 -2.61
N TYR A 73 -3.42 27.11 -2.38
CA TYR A 73 -2.86 27.40 -1.07
C TYR A 73 -3.14 28.85 -0.67
N ASN A 74 -2.91 29.79 -1.59
CA ASN A 74 -3.07 31.20 -1.24
C ASN A 74 -4.53 31.62 -1.15
N GLN A 75 -5.45 30.86 -1.74
CA GLN A 75 -6.88 31.14 -1.60
C GLN A 75 -7.53 30.37 -0.48
N GLY A 76 -6.76 29.60 0.29
CA GLY A 76 -7.33 28.86 1.40
C GLY A 76 -8.18 27.69 1.00
N VAL A 77 -7.85 27.05 -0.11
CA VAL A 77 -8.62 25.94 -0.67
C VAL A 77 -7.84 24.65 -0.44
N PRO A 78 -8.44 23.63 0.18
CA PRO A 78 -7.69 22.38 0.39
C PRO A 78 -7.30 21.69 -0.91
N ILE A 79 -6.19 20.98 -0.85
CA ILE A 79 -5.64 20.24 -1.98
C ILE A 79 -5.64 18.76 -1.61
N ILE A 80 -6.14 17.91 -2.51
CA ILE A 80 -6.17 16.47 -2.22
C ILE A 80 -5.42 15.80 -3.37
N PRO A 81 -4.19 15.31 -3.19
CA PRO A 81 -3.54 14.58 -4.29
C PRO A 81 -4.28 13.28 -4.55
N PHE A 82 -4.37 12.91 -5.83
CA PHE A 82 -5.13 11.72 -6.23
C PHE A 82 -4.29 10.97 -7.24
N GLY A 83 -3.98 9.70 -6.94
CA GLY A 83 -3.24 8.89 -7.87
C GLY A 83 -4.19 7.98 -8.62
N THR A 84 -4.19 6.69 -8.30
CA THR A 84 -5.12 5.78 -8.94
C THR A 84 -6.33 5.45 -8.06
N GLY A 85 -6.42 6.05 -6.88
CA GLY A 85 -7.59 5.88 -6.04
C GLY A 85 -7.80 4.48 -5.50
N THR A 86 -6.72 3.72 -5.31
CA THR A 86 -6.79 2.36 -4.80
C THR A 86 -6.49 2.27 -3.31
N GLY A 87 -6.27 3.41 -2.65
CA GLY A 87 -6.00 3.37 -1.23
C GLY A 87 -7.15 2.77 -0.46
N VAL A 88 -6.85 2.35 0.76
CA VAL A 88 -7.89 1.68 1.54
C VAL A 88 -8.14 2.35 2.88
N GLU A 89 -7.73 3.60 3.03
CA GLU A 89 -7.92 4.14 4.35
C GLU A 89 -8.48 5.59 4.23
N GLY A 90 -9.03 5.92 3.07
CA GLY A 90 -9.77 7.15 2.89
C GLY A 90 -8.92 8.34 2.56
N GLY A 91 -7.73 8.10 2.04
CA GLY A 91 -6.79 9.19 1.84
C GLY A 91 -7.27 10.24 0.88
N VAL A 92 -8.10 9.86 -0.10
CA VAL A 92 -8.55 10.84 -1.10
C VAL A 92 -9.91 11.44 -0.76
N CYS A 93 -10.54 11.04 0.34
CA CYS A 93 -11.84 11.60 0.71
C CYS A 93 -11.70 13.09 1.02
N ALA A 94 -12.54 13.92 0.38
CA ALA A 94 -12.40 15.37 0.56
C ALA A 94 -13.22 15.83 1.77
N VAL A 95 -12.69 15.51 2.96
CA VAL A 95 -13.46 15.76 4.18
C VAL A 95 -13.73 17.25 4.39
N GLN A 96 -12.90 18.13 3.82
CA GLN A 96 -13.14 19.57 3.92
C GLN A 96 -13.36 20.21 2.54
N GLY A 97 -13.80 19.41 1.56
CA GLY A 97 -13.96 19.91 0.21
C GLY A 97 -12.61 20.20 -0.41
N GLY A 98 -12.60 21.10 -1.38
CA GLY A 98 -11.35 21.52 -1.99
C GLY A 98 -11.15 20.97 -3.38
N VAL A 99 -9.90 21.02 -3.82
CA VAL A 99 -9.52 20.67 -5.18
C VAL A 99 -8.79 19.35 -5.17
N CYS A 100 -9.33 18.36 -5.87
CA CYS A 100 -8.68 17.07 -6.05
C CYS A 100 -7.75 17.17 -7.26
N ILE A 101 -6.46 16.93 -7.06
CA ILE A 101 -5.48 17.03 -8.13
C ILE A 101 -5.20 15.61 -8.60
N ASN A 102 -5.79 15.22 -9.73
CA ASN A 102 -5.49 13.92 -10.34
C ASN A 102 -4.21 14.04 -11.13
N LEU A 103 -3.20 13.23 -10.76
CA LEU A 103 -1.87 13.41 -11.30
C LEU A 103 -1.55 12.46 -12.43
N THR A 104 -2.53 11.67 -12.89
CA THR A 104 -2.15 10.55 -13.74
C THR A 104 -1.93 10.93 -15.21
N HIS A 105 -2.16 12.16 -15.61
CA HIS A 105 -1.79 12.50 -16.98
C HIS A 105 -0.28 12.70 -17.15
N MET A 106 0.48 12.86 -16.07
CA MET A 106 1.94 12.86 -16.16
C MET A 106 2.36 11.41 -16.01
N ASP A 107 2.65 10.76 -17.14
CA ASP A 107 2.74 9.30 -17.15
C ASP A 107 4.01 8.80 -17.84
N GLN A 108 5.07 9.59 -17.80
CA GLN A 108 6.29 9.25 -18.52
C GLN A 108 7.32 8.58 -17.61
N ILE A 109 8.00 7.58 -18.16
CA ILE A 109 9.19 6.99 -17.55
C ILE A 109 10.42 7.66 -18.12
N THR A 110 11.33 8.12 -17.25
CA THR A 110 12.55 8.78 -17.71
C THR A 110 13.77 8.28 -16.96
N GLU A 111 14.93 8.71 -17.46
CA GLU A 111 16.22 8.46 -16.82
C GLU A 111 16.39 6.99 -16.44
N LEU A 112 15.98 6.10 -17.34
CA LEU A 112 16.25 4.69 -17.09
C LEU A 112 17.75 4.48 -17.11
N ASN A 113 18.32 4.10 -15.99
CA ASN A 113 19.76 3.86 -15.88
C ASN A 113 19.92 2.41 -15.49
N THR A 114 19.98 1.52 -16.48
CA THR A 114 20.08 0.09 -16.18
C THR A 114 21.40 -0.23 -15.50
N GLU A 115 22.50 0.41 -15.93
CA GLU A 115 23.81 0.17 -15.32
C GLU A 115 23.86 0.55 -13.84
N ASP A 116 23.03 1.52 -13.42
CA ASP A 116 22.95 1.97 -12.04
C ASP A 116 21.77 1.38 -11.29
N PHE A 117 20.91 0.60 -11.96
CA PHE A 117 19.74 0.00 -11.33
C PHE A 117 18.78 1.08 -10.83
N SER A 118 18.47 2.06 -11.68
CA SER A 118 17.53 3.10 -11.24
C SER A 118 16.69 3.61 -12.41
N VAL A 119 15.56 4.26 -12.07
CA VAL A 119 14.64 4.79 -13.06
C VAL A 119 13.82 5.89 -12.38
N VAL A 120 13.35 6.87 -13.16
CA VAL A 120 12.48 7.94 -12.68
C VAL A 120 11.10 7.77 -13.31
N VAL A 121 10.05 7.82 -12.49
CA VAL A 121 8.68 7.68 -12.97
C VAL A 121 7.80 8.84 -12.51
N GLU A 122 6.86 9.21 -13.36
CA GLU A 122 5.83 10.21 -13.07
C GLU A 122 4.60 9.53 -12.50
N PRO A 123 3.64 10.28 -11.94
CA PRO A 123 2.56 9.64 -11.17
C PRO A 123 1.62 8.73 -11.98
N GLY A 124 1.45 8.95 -13.28
CA GLY A 124 0.57 8.05 -14.04
C GLY A 124 1.19 6.70 -14.37
N VAL A 125 2.45 6.48 -14.02
CA VAL A 125 3.10 5.19 -14.27
C VAL A 125 2.70 4.22 -13.16
N THR A 126 2.14 3.08 -13.55
CA THR A 126 1.86 2.02 -12.61
C THR A 126 3.02 1.00 -12.60
N ARG A 127 2.99 0.10 -11.62
CA ARG A 127 4.00 -0.95 -11.57
C ARG A 127 3.98 -1.79 -12.85
N LYS A 128 2.78 -2.14 -13.33
CA LYS A 128 2.67 -2.93 -14.56
C LYS A 128 3.31 -2.22 -15.74
N ALA A 129 2.97 -0.94 -15.90
CA ALA A 129 3.56 -0.14 -16.97
C ALA A 129 5.08 -0.14 -16.89
N LEU A 130 5.63 0.04 -15.68
CA LEU A 130 7.08 0.07 -15.54
C LEU A 130 7.69 -1.28 -15.90
N ASN A 131 7.15 -2.36 -15.36
CA ASN A 131 7.76 -3.66 -15.61
C ASN A 131 7.58 -4.07 -17.08
N THR A 132 6.49 -3.66 -17.71
CA THR A 132 6.35 -3.86 -19.15
C THR A 132 7.44 -3.12 -19.91
N HIS A 133 7.67 -1.85 -19.54
CA HIS A 133 8.73 -1.09 -20.16
C HIS A 133 10.10 -1.74 -19.95
N LEU A 134 10.25 -2.51 -18.87
CA LEU A 134 11.52 -3.10 -18.51
C LEU A 134 11.71 -4.52 -19.04
N ARG A 135 10.75 -5.09 -19.77
CA ARG A 135 11.01 -6.43 -20.29
C ARG A 135 12.22 -6.45 -21.22
N ASP A 136 12.96 -7.55 -21.15
CA ASP A 136 14.20 -7.77 -21.89
C ASP A 136 15.34 -6.89 -21.41
N SER A 137 15.13 -6.14 -20.33
CA SER A 137 16.23 -5.42 -19.70
C SER A 137 16.99 -6.26 -18.68
N GLY A 138 16.38 -7.33 -18.17
CA GLY A 138 16.95 -8.06 -17.07
C GLY A 138 16.69 -7.47 -15.71
N LEU A 139 15.95 -6.36 -15.65
CA LEU A 139 15.63 -5.68 -14.40
C LEU A 139 14.13 -5.68 -14.18
N TRP A 140 13.75 -5.46 -12.92
CA TRP A 140 12.33 -5.34 -12.58
C TRP A 140 12.20 -4.51 -11.32
N PHE A 141 10.99 -4.01 -11.11
CA PHE A 141 10.66 -3.32 -9.87
C PHE A 141 9.81 -4.24 -9.00
N PRO A 142 10.25 -4.56 -7.79
CA PRO A 142 9.61 -5.64 -7.02
C PRO A 142 8.40 -5.30 -6.15
N VAL A 143 8.22 -4.04 -5.72
CA VAL A 143 7.22 -3.79 -4.69
C VAL A 143 5.84 -3.93 -5.33
N ASP A 144 5.04 -4.91 -4.86
CA ASP A 144 3.85 -5.34 -5.61
C ASP A 144 2.56 -5.36 -4.79
N PRO A 145 1.96 -4.19 -4.53
CA PRO A 145 0.56 -4.18 -4.09
C PRO A 145 -0.35 -4.91 -5.09
N GLY A 146 -1.41 -5.51 -4.55
CA GLY A 146 -2.34 -6.23 -5.41
C GLY A 146 -2.98 -5.38 -6.48
N ALA A 147 -3.21 -4.09 -6.19
CA ALA A 147 -3.87 -3.19 -7.11
C ALA A 147 -2.87 -2.59 -8.09
N ASP A 148 -3.38 -2.21 -9.26
CA ASP A 148 -2.55 -1.61 -10.31
C ASP A 148 -2.39 -0.12 -9.98
N ALA A 149 -1.53 0.14 -9.00
CA ALA A 149 -1.48 1.48 -8.39
C ALA A 149 -0.39 2.35 -9.01
N SER A 150 -0.61 3.66 -8.92
CA SER A 150 0.42 4.65 -9.23
C SER A 150 1.66 4.42 -8.36
N LEU A 151 2.84 4.42 -8.97
CA LEU A 151 4.08 4.24 -8.21
C LEU A 151 4.35 5.44 -7.28
N CYS A 152 3.98 6.64 -7.72
CA CYS A 152 4.12 7.79 -6.84
C CYS A 152 3.10 7.72 -5.70
N GLY A 153 1.91 7.17 -5.96
CA GLY A 153 0.95 6.94 -4.89
C GLY A 153 1.49 5.92 -3.90
N MET A 154 2.19 4.91 -4.41
CA MET A 154 2.80 3.90 -3.56
C MET A 154 3.90 4.53 -2.69
N ALA A 155 4.66 5.47 -3.25
CA ALA A 155 5.63 6.21 -2.44
C ALA A 155 4.93 7.04 -1.38
N ALA A 156 3.81 7.66 -1.73
CA ALA A 156 3.07 8.49 -0.78
C ALA A 156 2.51 7.68 0.38
N THR A 157 2.03 6.46 0.12
CA THR A 157 1.47 5.65 1.21
C THR A 157 2.50 4.81 1.94
N GLY A 158 3.72 4.70 1.44
CA GLY A 158 4.71 3.79 2.03
C GLY A 158 4.39 2.33 1.78
N ALA A 159 3.96 1.99 0.58
CA ALA A 159 3.41 0.67 0.29
C ALA A 159 4.43 -0.46 0.45
N SER A 160 3.90 -1.67 0.59
CA SER A 160 4.71 -2.88 0.60
C SER A 160 4.02 -3.85 -0.36
N GLY A 161 4.32 -5.13 -0.23
CA GLY A 161 3.70 -6.12 -1.11
C GLY A 161 4.30 -7.47 -0.81
N THR A 162 3.90 -8.47 -1.61
CA THR A 162 4.35 -9.84 -1.31
C THR A 162 5.87 -9.97 -1.46
N ASN A 163 6.49 -9.18 -2.34
CA ASN A 163 7.92 -9.30 -2.57
C ASN A 163 8.77 -8.61 -1.52
N ALA A 164 8.17 -7.87 -0.57
CA ALA A 164 8.95 -7.01 0.30
C ALA A 164 9.81 -7.78 1.28
N VAL A 165 9.36 -8.98 1.69
CA VAL A 165 10.16 -9.79 2.60
C VAL A 165 11.58 -9.99 2.09
N ARG A 166 11.77 -10.04 0.78
CA ARG A 166 13.11 -10.18 0.20
C ARG A 166 13.67 -8.90 -0.38
N TYR A 167 12.83 -8.13 -1.09
CA TYR A 167 13.31 -7.01 -1.87
C TYR A 167 13.00 -5.65 -1.26
N GLY A 168 12.32 -5.60 -0.13
CA GLY A 168 12.10 -4.34 0.57
C GLY A 168 10.78 -3.64 0.23
N THR A 169 10.45 -2.62 1.03
CA THR A 169 9.24 -1.83 0.82
C THR A 169 9.55 -0.63 -0.08
N MET A 170 8.55 0.23 -0.29
CA MET A 170 8.82 1.52 -0.94
C MET A 170 9.89 2.30 -0.21
N ARG A 171 9.88 2.28 1.13
CA ARG A 171 10.89 3.03 1.86
C ARG A 171 12.29 2.53 1.54
N ASP A 172 12.43 1.22 1.28
CA ASP A 172 13.72 0.66 0.93
C ASP A 172 14.11 0.97 -0.50
N ASN A 173 13.14 1.22 -1.38
CA ASN A 173 13.41 1.26 -2.81
C ASN A 173 13.16 2.62 -3.43
N VAL A 174 12.83 3.65 -2.64
CA VAL A 174 12.73 5.02 -3.13
C VAL A 174 14.05 5.72 -2.84
N ILE A 175 14.70 6.20 -3.89
CA ILE A 175 16.03 6.80 -3.85
C ILE A 175 15.95 8.32 -3.83
N ASN A 176 14.89 8.86 -4.40
CA ASN A 176 14.73 10.31 -4.57
C ASN A 176 13.27 10.59 -4.88
N LEU A 177 12.82 11.79 -4.53
CA LEU A 177 11.46 12.22 -4.83
C LEU A 177 11.49 13.65 -5.32
N GLU A 178 10.67 13.94 -6.31
CA GLU A 178 10.36 15.31 -6.71
C GLU A 178 9.02 15.68 -6.10
N VAL A 179 8.99 16.74 -5.31
CA VAL A 179 7.81 17.09 -4.52
C VAL A 179 7.47 18.54 -4.77
N VAL A 180 6.21 18.81 -5.11
CA VAL A 180 5.70 20.17 -5.11
C VAL A 180 5.17 20.42 -3.70
N LEU A 181 5.82 21.32 -2.97
CA LEU A 181 5.36 21.65 -1.64
C LEU A 181 4.03 22.41 -1.69
N PRO A 182 3.33 22.51 -0.56
CA PRO A 182 1.97 23.06 -0.59
C PRO A 182 1.89 24.45 -1.20
N ASP A 183 2.90 25.29 -1.00
CA ASP A 183 2.84 26.63 -1.58
C ASP A 183 3.36 26.69 -3.01
N GLY A 184 3.70 25.55 -3.62
CA GLY A 184 4.15 25.50 -5.00
C GLY A 184 5.64 25.34 -5.22
N ARG A 185 6.47 25.48 -4.20
CA ARG A 185 7.90 25.33 -4.41
C ARG A 185 8.24 23.90 -4.82
N LEU A 186 9.28 23.74 -5.63
CA LEU A 186 9.70 22.43 -6.11
C LEU A 186 10.91 21.93 -5.33
N LEU A 187 10.75 20.80 -4.66
CA LEU A 187 11.82 20.17 -3.89
C LEU A 187 12.21 18.85 -4.52
N HIS A 188 13.51 18.64 -4.73
CA HIS A 188 14.04 17.31 -5.01
C HIS A 188 14.68 16.82 -3.73
N THR A 189 14.09 15.80 -3.12
CA THR A 189 14.40 15.52 -1.71
C THR A 189 15.87 15.19 -1.51
N ALA A 190 16.48 14.46 -2.46
CA ALA A 190 17.90 14.16 -2.38
C ALA A 190 18.74 14.97 -3.37
N GLY A 191 18.16 16.00 -3.98
CA GLY A 191 18.86 16.79 -4.98
C GLY A 191 18.46 16.45 -6.40
N ARG A 192 18.36 17.45 -7.27
CA ARG A 192 17.84 17.20 -8.61
C ARG A 192 18.75 16.28 -9.39
N GLY A 193 18.17 15.19 -9.89
CA GLY A 193 18.88 14.28 -10.74
C GLY A 193 19.75 13.28 -10.03
N ARG A 194 19.82 13.32 -8.70
CA ARG A 194 20.74 12.46 -7.96
C ARG A 194 20.19 11.07 -7.75
N HIS A 195 21.10 10.11 -7.76
CA HIS A 195 20.75 8.73 -7.47
C HIS A 195 22.03 8.04 -7.04
N TYR A 196 21.95 7.31 -5.95
CA TYR A 196 23.15 6.72 -5.35
C TYR A 196 22.67 5.68 -4.34
N ARG A 197 23.61 4.90 -3.83
CA ARG A 197 23.26 3.81 -2.93
C ARG A 197 23.11 4.24 -1.48
N LYS A 198 23.87 5.25 -1.05
CA LYS A 198 23.82 5.69 0.35
C LYS A 198 24.31 7.10 0.44
N SER A 199 23.84 7.81 1.47
CA SER A 199 24.29 9.17 1.71
C SER A 199 24.10 9.51 3.18
N ALA A 200 25.05 10.29 3.70
CA ALA A 200 24.95 10.95 5.00
C ALA A 200 24.86 12.47 4.85
N ALA A 201 24.45 12.96 3.68
CA ALA A 201 24.52 14.40 3.40
C ALA A 201 23.29 15.12 3.94
N GLY A 202 23.44 15.77 5.08
CA GLY A 202 22.32 16.52 5.62
C GLY A 202 21.29 15.59 6.26
N TYR A 203 20.08 16.09 6.40
CA TYR A 203 18.98 15.25 6.89
C TYR A 203 18.32 14.55 5.71
N ASN A 204 17.91 13.32 5.93
CA ASN A 204 17.37 12.52 4.84
C ASN A 204 15.94 12.99 4.63
N LEU A 205 15.72 13.84 3.62
CA LEU A 205 14.35 14.30 3.35
C LEU A 205 13.51 13.28 2.62
N THR A 206 14.14 12.39 1.84
CA THR A 206 13.37 11.41 1.07
C THR A 206 12.47 10.57 1.99
N GLY A 207 13.04 10.10 3.11
CA GLY A 207 12.27 9.25 4.02
C GLY A 207 11.11 9.96 4.67
N LEU A 208 11.19 11.28 4.81
CA LEU A 208 10.08 12.02 5.40
C LEU A 208 8.87 12.02 4.47
N PHE A 209 9.08 12.10 3.15
CA PHE A 209 7.96 12.19 2.25
C PHE A 209 7.41 10.83 1.86
N VAL A 210 8.20 9.77 1.96
CA VAL A 210 7.64 8.42 1.80
C VAL A 210 6.72 8.15 2.98
N GLY A 211 5.49 7.76 2.68
CA GLY A 211 4.49 7.55 3.72
C GLY A 211 3.85 8.80 4.26
N SER A 212 3.92 9.91 3.53
CA SER A 212 3.29 11.15 4.00
C SER A 212 1.86 11.30 3.51
N GLU A 213 1.40 10.44 2.60
CA GLU A 213 -0.02 10.31 2.25
C GLU A 213 -0.62 11.60 1.69
N GLY A 214 0.21 12.45 1.08
CA GLY A 214 -0.30 13.66 0.47
C GLY A 214 -0.55 14.79 1.44
N THR A 215 -0.07 14.67 2.68
CA THR A 215 -0.25 15.72 3.69
C THR A 215 0.93 16.66 3.79
N LEU A 216 2.05 16.37 3.11
CA LEU A 216 3.24 17.23 3.15
C LEU A 216 3.61 17.81 1.79
N GLY A 217 2.94 17.42 0.74
CA GLY A 217 3.26 17.90 -0.59
C GLY A 217 2.85 16.86 -1.62
N ILE A 218 3.04 17.23 -2.88
CA ILE A 218 2.61 16.43 -4.03
C ILE A 218 3.81 15.79 -4.68
N ILE A 219 3.86 14.46 -4.69
CA ILE A 219 4.97 13.79 -5.35
C ILE A 219 4.73 13.79 -6.84
N THR A 220 5.64 14.41 -7.60
CA THR A 220 5.47 14.47 -9.04
C THR A 220 6.47 13.62 -9.79
N SER A 221 7.51 13.11 -9.14
CA SER A 221 8.20 11.95 -9.70
C SER A 221 8.87 11.20 -8.56
N THR A 222 9.18 9.93 -8.82
CA THR A 222 9.87 9.09 -7.86
C THR A 222 11.05 8.43 -8.58
N THR A 223 12.21 8.44 -7.95
CA THR A 223 13.37 7.71 -8.43
C THR A 223 13.42 6.38 -7.70
N LEU A 224 13.36 5.28 -8.44
CA LEU A 224 13.19 3.95 -7.87
C LEU A 224 14.42 3.09 -8.09
N ARG A 225 14.73 2.27 -7.09
CA ARG A 225 15.73 1.23 -7.20
C ARG A 225 15.16 0.04 -7.97
N LEU A 226 15.88 -0.37 -9.01
CA LEU A 226 15.54 -1.59 -9.76
C LEU A 226 16.39 -2.75 -9.26
N HIS A 227 15.93 -3.96 -9.56
CA HIS A 227 16.62 -5.16 -9.12
C HIS A 227 16.82 -6.11 -10.28
N PRO A 228 17.85 -6.95 -10.22
CA PRO A 228 18.03 -7.98 -11.27
C PRO A 228 16.92 -9.01 -11.21
N ALA A 229 16.45 -9.43 -12.39
CA ALA A 229 15.51 -10.53 -12.44
C ALA A 229 16.15 -11.79 -11.86
N PRO A 230 15.38 -12.65 -11.17
CA PRO A 230 15.98 -13.84 -10.58
C PRO A 230 16.38 -14.83 -11.68
N GLU A 231 17.49 -15.53 -11.44
CA GLU A 231 17.96 -16.52 -12.41
C GLU A 231 16.90 -17.60 -12.63
N ALA A 232 16.31 -18.09 -11.55
CA ALA A 232 15.27 -19.11 -11.63
C ALA A 232 14.28 -18.86 -10.51
N THR A 233 13.04 -19.28 -10.75
CA THR A 233 11.92 -19.05 -9.84
C THR A 233 11.14 -20.34 -9.65
N VAL A 234 10.73 -20.61 -8.41
CA VAL A 234 9.84 -21.72 -8.10
C VAL A 234 8.80 -21.23 -7.11
N ALA A 235 7.53 -21.52 -7.39
CA ALA A 235 6.42 -21.16 -6.52
C ALA A 235 5.70 -22.43 -6.06
N ALA A 236 5.14 -22.38 -4.86
CA ALA A 236 4.44 -23.56 -4.37
C ALA A 236 3.39 -23.13 -3.36
N THR A 237 2.44 -24.02 -3.08
CA THR A 237 1.53 -23.80 -1.97
C THR A 237 1.67 -24.95 -0.98
N CYS A 238 1.33 -24.66 0.28
CA CYS A 238 1.49 -25.63 1.36
C CYS A 238 0.33 -25.50 2.31
N ALA A 239 -0.42 -26.58 2.49
CA ALA A 239 -1.61 -26.58 3.33
C ALA A 239 -1.28 -27.10 4.72
N PHE A 240 -1.88 -26.49 5.74
CA PHE A 240 -1.58 -26.78 7.13
C PHE A 240 -2.84 -27.18 7.88
N PRO A 241 -2.69 -27.90 9.00
CA PRO A 241 -3.87 -28.31 9.78
C PRO A 241 -4.44 -27.20 10.61
N SER A 242 -3.71 -26.12 10.84
CA SER A 242 -4.18 -25.04 11.68
C SER A 242 -3.43 -23.77 11.32
N VAL A 243 -4.02 -22.64 11.73
CA VAL A 243 -3.35 -21.35 11.64
C VAL A 243 -2.06 -21.37 12.45
N GLN A 244 -2.12 -21.92 13.67
CA GLN A 244 -0.92 -22.00 14.50
C GLN A 244 0.21 -22.69 13.78
N ALA A 245 -0.09 -23.81 13.10
CA ALA A 245 0.96 -24.54 12.39
C ALA A 245 1.54 -23.72 11.26
N ALA A 246 0.71 -22.97 10.53
CA ALA A 246 1.20 -22.19 9.39
C ALA A 246 2.09 -21.04 9.85
N VAL A 247 1.68 -20.37 10.92
CA VAL A 247 2.42 -19.19 11.36
C VAL A 247 3.67 -19.60 12.12
N ASP A 248 3.63 -20.73 12.84
CA ASP A 248 4.84 -21.26 13.43
C ASP A 248 5.87 -21.59 12.37
N SER A 249 5.43 -22.22 11.27
CA SER A 249 6.34 -22.49 10.16
C SER A 249 6.96 -21.20 9.64
N THR A 250 6.13 -20.18 9.47
CA THR A 250 6.62 -18.89 8.99
C THR A 250 7.71 -18.34 9.90
N VAL A 251 7.43 -18.28 11.20
CA VAL A 251 8.42 -17.75 12.14
C VAL A 251 9.71 -18.56 12.07
N GLN A 252 9.61 -19.89 11.98
CA GLN A 252 10.82 -20.70 11.97
C GLN A 252 11.57 -20.59 10.64
N ILE A 253 10.85 -20.39 9.54
CA ILE A 253 11.52 -20.12 8.27
C ILE A 253 12.32 -18.83 8.35
N LEU A 254 11.73 -17.78 8.95
CA LEU A 254 12.48 -16.53 9.05
C LEU A 254 13.64 -16.64 10.03
N GLN A 255 13.44 -17.34 11.15
CA GLN A 255 14.54 -17.49 12.11
C GLN A 255 15.66 -18.37 11.57
N ALA A 256 15.35 -19.29 10.66
CA ALA A 256 16.37 -20.09 9.98
C ALA A 256 17.07 -19.32 8.87
N ALA A 257 16.63 -18.09 8.60
CA ALA A 257 17.28 -17.19 7.64
C ALA A 257 17.20 -17.71 6.21
N VAL A 258 16.11 -18.42 5.88
CA VAL A 258 15.90 -18.82 4.50
C VAL A 258 15.49 -17.58 3.72
N PRO A 259 16.21 -17.19 2.67
CA PRO A 259 15.89 -15.95 1.95
C PRO A 259 14.72 -16.11 0.98
N VAL A 260 13.57 -16.52 1.52
CA VAL A 260 12.38 -16.71 0.68
C VAL A 260 12.06 -15.42 -0.06
N ALA A 261 11.58 -15.56 -1.29
CA ALA A 261 11.21 -14.38 -2.06
C ALA A 261 9.80 -13.90 -1.72
N ARG A 262 8.90 -14.84 -1.45
CA ARG A 262 7.51 -14.56 -1.09
C ARG A 262 7.09 -15.59 -0.06
N ILE A 263 6.37 -15.13 0.97
CA ILE A 263 5.75 -16.03 1.93
C ILE A 263 4.45 -15.40 2.41
N GLU A 264 3.34 -15.84 1.82
CA GLU A 264 2.03 -15.25 2.04
C GLU A 264 1.12 -16.23 2.75
N PHE A 265 0.39 -15.74 3.74
CA PHE A 265 -0.55 -16.57 4.49
C PHE A 265 -1.98 -16.29 4.05
N LEU A 266 -2.76 -17.36 3.92
CA LEU A 266 -4.20 -17.27 3.69
C LEU A 266 -4.87 -18.20 4.70
N ASP A 267 -5.89 -17.72 5.42
CA ASP A 267 -6.57 -18.68 6.27
C ASP A 267 -7.55 -19.48 5.42
N ASP A 268 -8.30 -20.39 6.05
CA ASP A 268 -9.20 -21.23 5.26
C ASP A 268 -10.30 -20.41 4.60
N VAL A 269 -10.83 -19.40 5.30
CA VAL A 269 -11.84 -18.54 4.71
C VAL A 269 -11.30 -17.85 3.47
N MET A 270 -10.08 -17.29 3.57
CA MET A 270 -9.49 -16.61 2.42
C MET A 270 -9.18 -17.57 1.29
N MET A 271 -8.68 -18.77 1.62
CA MET A 271 -8.37 -19.75 0.57
C MET A 271 -9.62 -20.11 -0.21
N ASP A 272 -10.71 -20.41 0.50
CA ASP A 272 -11.97 -20.72 -0.17
C ASP A 272 -12.44 -19.55 -1.03
N ALA A 273 -12.37 -18.33 -0.50
CA ALA A 273 -12.79 -17.18 -1.29
C ALA A 273 -11.97 -17.04 -2.57
N CYS A 274 -10.63 -17.22 -2.48
CA CYS A 274 -9.83 -17.11 -3.70
C CYS A 274 -10.10 -18.26 -4.67
N ASN A 275 -10.37 -19.46 -4.13
CA ASN A 275 -10.74 -20.58 -5.00
C ASN A 275 -11.95 -20.21 -5.85
N ARG A 276 -12.95 -19.62 -5.22
CA ARG A 276 -14.19 -19.32 -5.92
C ARG A 276 -14.09 -18.11 -6.83
N HIS A 277 -13.15 -17.22 -6.56
CA HIS A 277 -13.02 -15.99 -7.34
C HIS A 277 -12.03 -16.13 -8.50
N SER A 278 -11.13 -17.10 -8.44
CA SER A 278 -10.06 -17.22 -9.43
C SER A 278 -10.02 -18.61 -10.04
N LYS A 279 -10.96 -19.49 -9.67
CA LYS A 279 -10.99 -20.85 -10.17
C LYS A 279 -9.67 -21.58 -9.89
N LEU A 280 -9.01 -21.22 -8.78
CA LEU A 280 -8.03 -22.11 -8.19
C LEU A 280 -8.75 -23.25 -7.50
N ASN A 281 -8.03 -24.33 -7.22
CA ASN A 281 -8.60 -25.47 -6.52
C ASN A 281 -7.64 -25.97 -5.45
N CYS A 282 -7.10 -25.04 -4.65
CA CYS A 282 -6.28 -25.46 -3.51
C CYS A 282 -7.17 -26.06 -2.42
N PRO A 283 -6.63 -27.01 -1.65
CA PRO A 283 -7.35 -27.48 -0.46
C PRO A 283 -7.74 -26.32 0.44
N VAL A 284 -8.98 -26.36 0.94
CA VAL A 284 -9.46 -25.32 1.84
C VAL A 284 -8.88 -25.53 3.23
N ALA A 285 -7.87 -24.74 3.55
CA ALA A 285 -7.06 -24.92 4.76
C ALA A 285 -6.20 -23.67 4.92
N PRO A 286 -5.68 -23.42 6.11
CA PRO A 286 -4.69 -22.34 6.26
C PRO A 286 -3.48 -22.72 5.44
N THR A 287 -3.04 -21.78 4.59
CA THR A 287 -2.12 -22.09 3.52
C THR A 287 -1.03 -21.04 3.44
N LEU A 288 0.16 -21.48 3.07
CA LEU A 288 1.25 -20.58 2.69
C LEU A 288 1.43 -20.66 1.18
N PHE A 289 1.46 -19.49 0.54
CA PHE A 289 1.92 -19.35 -0.84
C PHE A 289 3.40 -18.95 -0.75
N LEU A 290 4.27 -19.74 -1.37
CA LEU A 290 5.71 -19.55 -1.25
C LEU A 290 6.32 -19.28 -2.61
N GLU A 291 7.40 -18.50 -2.63
CA GLU A 291 8.19 -18.38 -3.85
C GLU A 291 9.67 -18.27 -3.48
N PHE A 292 10.52 -18.88 -4.31
CA PHE A 292 11.95 -18.96 -4.09
C PHE A 292 12.66 -18.48 -5.34
N HIS A 293 13.69 -17.68 -5.13
CA HIS A 293 14.52 -17.13 -6.21
C HIS A 293 15.95 -17.60 -6.01
N GLY A 294 16.60 -17.98 -7.09
CA GLY A 294 18.02 -18.27 -7.05
C GLY A 294 18.42 -19.09 -8.26
N SER A 295 19.63 -19.62 -8.18
CA SER A 295 20.08 -20.63 -9.13
C SER A 295 19.48 -21.99 -8.76
N GLN A 296 19.66 -22.97 -9.66
CA GLN A 296 19.11 -24.30 -9.41
C GLN A 296 19.60 -24.87 -8.09
N GLN A 297 20.86 -24.63 -7.75
CA GLN A 297 21.46 -25.17 -6.54
C GLN A 297 21.03 -24.38 -5.31
N THR A 298 21.02 -23.05 -5.42
CA THR A 298 20.50 -22.24 -4.33
C THR A 298 19.05 -22.59 -4.05
N LEU A 299 18.27 -22.83 -5.09
CA LEU A 299 16.87 -23.20 -4.91
C LEU A 299 16.74 -24.54 -4.18
N ALA A 300 17.58 -25.51 -4.54
CA ALA A 300 17.40 -26.86 -4.01
C ALA A 300 17.59 -26.89 -2.51
N GLU A 301 18.57 -26.15 -1.98
CA GLU A 301 18.65 -26.20 -0.52
C GLU A 301 17.72 -25.21 0.17
N GLN A 302 17.32 -24.11 -0.47
CA GLN A 302 16.23 -23.34 0.13
C GLN A 302 15.00 -24.20 0.27
N LEU A 303 14.64 -24.94 -0.78
CA LEU A 303 13.48 -25.83 -0.73
C LEU A 303 13.67 -26.94 0.30
N GLN A 304 14.85 -27.54 0.31
CA GLN A 304 15.21 -28.54 1.33
C GLN A 304 14.92 -28.03 2.73
N ARG A 305 15.50 -26.88 3.09
CA ARG A 305 15.38 -26.39 4.46
C ARG A 305 13.97 -25.90 4.75
N THR A 306 13.32 -25.28 3.76
CA THR A 306 11.97 -24.79 3.99
C THR A 306 10.98 -25.94 4.11
N GLU A 307 11.15 -26.97 3.30
CA GLU A 307 10.14 -28.02 3.38
C GLU A 307 10.37 -28.89 4.62
N ALA A 308 11.59 -28.93 5.15
CA ALA A 308 11.82 -29.59 6.43
C ALA A 308 11.08 -28.90 7.56
N ILE A 309 11.12 -27.55 7.59
CA ILE A 309 10.42 -26.81 8.63
C ILE A 309 8.91 -26.98 8.49
N THR A 310 8.38 -26.89 7.26
CA THR A 310 6.94 -26.98 7.12
C THR A 310 6.46 -28.38 7.50
N GLN A 311 7.26 -29.41 7.21
CA GLN A 311 6.88 -30.78 7.53
C GLN A 311 6.79 -30.96 9.04
N ASN A 313 5.83 -28.98 11.14
CA ASN A 313 4.60 -28.35 11.60
C ASN A 313 3.35 -28.87 10.88
N GLY A 314 3.46 -30.00 10.20
CA GLY A 314 2.29 -30.61 9.60
C GLY A 314 1.95 -30.12 8.21
N GLY A 315 2.83 -29.34 7.59
CA GLY A 315 2.58 -28.89 6.24
C GLY A 315 2.51 -30.04 5.26
N SER A 316 1.65 -29.86 4.27
CA SER A 316 1.53 -30.76 3.14
C SER A 316 2.79 -30.73 2.27
N HIS A 317 2.95 -31.78 1.47
CA HIS A 317 3.98 -31.70 0.45
C HIS A 317 3.65 -30.55 -0.47
N PHE A 318 4.70 -29.84 -0.92
CA PHE A 318 4.50 -28.63 -1.70
C PHE A 318 3.75 -28.95 -2.98
N SER A 319 2.67 -28.19 -3.23
CA SER A 319 2.00 -28.22 -4.52
C SER A 319 2.64 -27.18 -5.43
N TRP A 320 3.42 -27.63 -6.40
CA TRP A 320 4.27 -26.74 -7.16
C TRP A 320 3.49 -26.00 -8.24
N ALA A 321 3.97 -24.80 -8.57
CA ALA A 321 3.44 -24.02 -9.67
C ALA A 321 4.59 -23.59 -10.57
N ALA A 324 5.07 -20.94 -16.30
CA ALA A 324 4.91 -19.49 -16.34
C ALA A 324 3.48 -19.15 -15.97
N GLU A 325 2.52 -19.57 -16.80
CA GLU A 325 1.11 -19.25 -16.54
C GLU A 325 0.67 -19.78 -15.18
N LYS A 326 1.26 -20.88 -14.72
CA LYS A 326 0.75 -21.53 -13.52
C LYS A 326 1.05 -20.73 -12.24
N ARG A 327 2.27 -20.22 -12.08
CA ARG A 327 2.50 -19.32 -10.96
C ARG A 327 1.84 -17.96 -11.19
N ASN A 328 1.66 -17.57 -12.45
CA ASN A 328 1.06 -16.27 -12.72
C ASN A 328 -0.38 -16.21 -12.22
N GLU A 329 -1.14 -17.30 -12.40
CA GLU A 329 -2.50 -17.31 -11.88
C GLU A 329 -2.51 -17.45 -10.36
N LEU A 330 -1.50 -18.11 -9.80
CA LEU A 330 -1.41 -18.22 -8.35
C LEU A 330 -1.27 -16.85 -7.71
N TRP A 331 -0.32 -16.04 -8.19
CA TRP A 331 -0.13 -14.72 -7.61
C TRP A 331 -1.17 -13.71 -8.07
N ALA A 332 -1.77 -13.88 -9.25
CA ALA A 332 -2.93 -13.06 -9.59
C ALA A 332 -4.06 -13.30 -8.60
N ALA A 333 -4.30 -14.57 -8.22
CA ALA A 333 -5.34 -14.85 -7.23
C ALA A 333 -5.02 -14.20 -5.90
N ARG A 334 -3.76 -14.28 -5.45
CA ARG A 334 -3.38 -13.62 -4.21
C ARG A 334 -3.58 -12.11 -4.33
N HIS A 335 -3.14 -11.52 -5.44
CA HIS A 335 -3.26 -10.09 -5.61
C HIS A 335 -4.72 -9.64 -5.62
N ASN A 336 -5.65 -10.53 -5.97
CA ASN A 336 -7.07 -10.17 -6.00
C ASN A 336 -7.82 -10.61 -4.75
N ALA A 337 -7.09 -10.99 -3.69
CA ALA A 337 -7.75 -11.46 -2.47
C ALA A 337 -8.78 -10.46 -1.95
N TRP A 338 -8.48 -9.17 -2.02
CA TRP A 338 -9.45 -8.16 -1.59
C TRP A 338 -10.78 -8.32 -2.31
N TYR A 339 -10.74 -8.53 -3.63
CA TYR A 339 -11.98 -8.68 -4.39
C TYR A 339 -12.62 -10.05 -4.17
N ALA A 340 -11.78 -11.06 -3.94
CA ALA A 340 -12.29 -12.38 -3.59
C ALA A 340 -13.10 -12.33 -2.30
N ALA A 341 -12.60 -11.58 -1.31
CA ALA A 341 -13.30 -11.44 -0.04
C ALA A 341 -14.60 -10.68 -0.22
N LEU A 342 -14.59 -9.59 -0.99
CA LEU A 342 -15.82 -8.84 -1.21
C LEU A 342 -16.86 -9.70 -1.91
N ALA A 343 -16.43 -10.62 -2.78
CA ALA A 343 -17.34 -11.47 -3.53
C ALA A 343 -18.07 -12.49 -2.64
N LEU A 344 -17.64 -12.66 -1.38
CA LEU A 344 -18.37 -13.56 -0.49
C LEU A 344 -19.73 -12.99 -0.08
N SER A 345 -19.92 -11.68 -0.22
CA SER A 345 -21.18 -11.04 0.14
C SER A 345 -21.40 -9.88 -0.81
N PRO A 346 -21.96 -10.13 -2.00
CA PRO A 346 -22.09 -9.05 -3.00
C PRO A 346 -22.93 -7.90 -2.46
N GLY A 347 -22.50 -6.69 -2.81
CA GLY A 347 -23.07 -5.47 -2.27
C GLY A 347 -22.35 -4.90 -1.07
N SER A 348 -21.53 -5.70 -0.38
CA SER A 348 -20.88 -5.19 0.81
C SER A 348 -19.60 -4.44 0.44
N LYS A 349 -19.13 -3.64 1.38
CA LYS A 349 -17.84 -2.99 1.32
C LYS A 349 -16.93 -3.67 2.34
N ALA A 350 -15.68 -3.21 2.43
CA ALA A 350 -14.73 -3.92 3.28
C ALA A 350 -13.81 -2.93 3.96
N TYR A 351 -13.31 -3.33 5.13
CA TYR A 351 -12.26 -2.64 5.84
C TYR A 351 -11.14 -3.62 6.12
N SER A 352 -9.90 -3.21 5.90
CA SER A 352 -8.75 -4.05 6.16
C SER A 352 -7.99 -3.52 7.36
N THR A 353 -7.65 -4.43 8.28
CA THR A 353 -6.62 -4.12 9.25
C THR A 353 -5.26 -4.38 8.61
N ASP A 354 -4.20 -3.98 9.34
CA ASP A 354 -2.86 -3.98 8.75
C ASP A 354 -1.76 -3.97 9.80
N VAL A 355 -1.96 -4.66 10.92
CA VAL A 355 -1.00 -4.54 12.01
C VAL A 355 0.31 -5.22 11.61
N CYS A 356 1.40 -4.80 12.23
CA CYS A 356 2.70 -5.44 12.03
C CYS A 356 3.37 -5.55 13.40
N VAL A 357 3.74 -6.76 13.79
CA VAL A 357 4.24 -7.02 15.14
C VAL A 357 5.63 -7.64 15.03
N PRO A 358 6.41 -7.60 16.12
CA PRO A 358 7.64 -8.41 16.19
C PRO A 358 7.31 -9.85 15.82
N ILE A 359 8.16 -10.47 14.99
CA ILE A 359 7.77 -11.74 14.39
C ILE A 359 7.49 -12.82 15.43
N SER A 360 8.20 -12.79 16.56
CA SER A 360 7.94 -13.83 17.55
C SER A 360 6.55 -13.75 18.16
N ARG A 361 5.89 -12.58 18.09
CA ARG A 361 4.53 -12.41 18.59
C ARG A 361 3.48 -12.62 17.51
N LEU A 362 3.88 -12.88 16.27
CA LEU A 362 2.90 -13.09 15.21
C LEU A 362 2.01 -14.29 15.47
N PRO A 363 2.52 -15.45 15.90
CA PRO A 363 1.60 -16.58 16.13
C PRO A 363 0.48 -16.22 17.07
N GLU A 364 0.77 -15.58 18.19
CA GLU A 364 -0.29 -15.37 19.15
C GLU A 364 -1.32 -14.38 18.65
N ILE A 365 -0.91 -13.34 17.89
CA ILE A 365 -1.93 -12.39 17.43
C ILE A 365 -2.73 -12.89 16.22
N LEU A 366 -2.15 -13.64 15.28
CA LEU A 366 -3.01 -14.27 14.27
C LEU A 366 -3.97 -15.28 14.85
N VAL A 367 -3.48 -16.14 15.73
CA VAL A 367 -4.36 -17.17 16.28
C VAL A 367 -5.50 -16.51 17.05
N GLU A 368 -5.16 -15.50 17.87
CA GLU A 368 -6.19 -14.72 18.56
C GLU A 368 -7.15 -14.06 17.58
N THR A 369 -6.65 -13.51 16.48
CA THR A 369 -7.54 -12.85 15.54
C THR A 369 -8.49 -13.84 14.89
N LYS A 370 -7.96 -15.01 14.51
CA LYS A 370 -8.79 -16.08 13.99
C LYS A 370 -9.88 -16.47 14.98
N GLU A 371 -9.50 -16.69 16.25
CA GLU A 371 -10.48 -17.03 17.28
C GLU A 371 -11.53 -15.93 17.44
N GLU A 372 -11.11 -14.67 17.33
CA GLU A 372 -12.05 -13.57 17.54
C GLU A 372 -13.00 -13.41 16.37
N ILE A 373 -12.53 -13.60 15.14
CA ILE A 373 -13.44 -13.59 14.00
C ILE A 373 -14.45 -14.72 14.12
N LYS A 374 -13.99 -15.90 14.57
CA LYS A 374 -14.88 -17.05 14.71
C LYS A 374 -15.97 -16.77 15.74
N ALA A 375 -15.58 -16.25 16.91
CA ALA A 375 -16.54 -15.94 17.96
C ALA A 375 -17.42 -14.73 17.63
N SER A 376 -17.18 -14.10 16.50
CA SER A 376 -17.88 -12.90 16.07
C SER A 376 -18.97 -13.24 15.06
N LYS A 377 -19.90 -12.30 14.89
CA LYS A 377 -20.90 -12.41 13.83
C LYS A 377 -20.42 -11.80 12.52
N LEU A 378 -19.20 -11.26 12.49
CA LEU A 378 -18.67 -10.64 11.29
C LEU A 378 -18.07 -11.68 10.34
N THR A 379 -18.10 -11.35 9.06
CA THR A 379 -17.41 -12.14 8.05
C THR A 379 -16.02 -11.56 7.86
N GLY A 380 -15.00 -12.34 8.15
CA GLY A 380 -13.63 -11.87 8.05
C GLY A 380 -12.74 -12.91 7.41
N ALA A 381 -11.84 -12.44 6.56
CA ALA A 381 -10.87 -13.29 5.89
C ALA A 381 -9.48 -12.77 6.25
N ILE A 382 -8.52 -13.67 6.43
CA ILE A 382 -7.17 -13.30 6.85
C ILE A 382 -6.18 -13.64 5.75
N VAL A 383 -5.32 -12.68 5.42
CA VAL A 383 -4.33 -12.85 4.37
C VAL A 383 -3.19 -11.91 4.71
N GLY A 384 -1.96 -12.28 4.35
CA GLY A 384 -0.98 -11.21 4.39
C GLY A 384 0.47 -11.62 4.43
N HIS A 385 1.30 -10.58 4.56
CA HIS A 385 2.75 -10.63 4.39
C HIS A 385 3.38 -11.04 5.71
N VAL A 386 3.13 -12.30 6.09
CA VAL A 386 3.58 -12.76 7.39
C VAL A 386 5.09 -12.83 7.49
N GLY A 387 5.82 -12.85 6.37
CA GLY A 387 7.27 -12.77 6.42
C GLY A 387 7.77 -11.47 7.04
N ASP A 388 6.95 -10.43 7.01
CA ASP A 388 7.23 -9.16 7.67
C ASP A 388 6.60 -9.06 9.05
N GLY A 389 5.94 -10.10 9.53
CA GLY A 389 5.19 -9.96 10.77
C GLY A 389 3.91 -9.17 10.60
N ASN A 390 3.37 -9.14 9.39
CA ASN A 390 2.27 -8.28 9.00
C ASN A 390 1.15 -9.16 8.44
N PHE A 391 -0.11 -8.75 8.66
CA PHE A 391 -1.24 -9.44 8.05
C PHE A 391 -2.45 -8.52 7.99
N HIS A 392 -3.41 -8.91 7.16
CA HIS A 392 -4.65 -8.17 6.99
C HIS A 392 -5.84 -9.02 7.45
N CYS A 393 -6.69 -8.45 8.27
CA CYS A 393 -8.03 -8.99 8.49
C CYS A 393 -8.96 -8.18 7.61
N ILE A 394 -9.57 -8.83 6.62
CA ILE A 394 -10.50 -8.15 5.72
C ILE A 394 -11.90 -8.39 6.24
N LEU A 395 -12.56 -7.32 6.70
CA LEU A 395 -13.86 -7.39 7.36
C LEU A 395 -14.91 -6.79 6.44
N LEU A 396 -15.96 -7.56 6.16
CA LEU A 396 -17.01 -7.12 5.25
C LEU A 396 -18.06 -6.30 6.01
N VAL A 397 -18.59 -5.28 5.35
CA VAL A 397 -19.58 -4.39 5.96
C VAL A 397 -20.72 -4.18 4.98
N ASP A 398 -21.95 -4.34 5.45
CA ASP A 398 -23.12 -3.95 4.67
C ASP A 398 -23.17 -2.43 4.67
N PRO A 399 -23.16 -1.79 3.50
CA PRO A 399 -23.14 -0.30 3.46
C PRO A 399 -24.35 0.35 4.10
N ASP A 400 -25.38 -0.40 4.48
CA ASP A 400 -26.58 0.18 5.08
C ASP A 400 -26.78 -0.22 6.53
N ASP A 401 -26.01 -1.17 7.05
CA ASP A 401 -26.12 -1.62 8.43
C ASP A 401 -25.11 -0.84 9.27
N ALA A 402 -25.59 0.19 9.97
CA ALA A 402 -24.72 1.00 10.83
C ALA A 402 -24.17 0.22 12.00
N GLU A 403 -24.82 -0.86 12.39
CA GLU A 403 -24.48 -1.53 13.64
C GLU A 403 -23.40 -2.58 13.38
N GLU A 404 -23.45 -3.22 12.20
CA GLU A 404 -22.31 -4.01 11.73
C GLU A 404 -21.08 -3.14 11.52
N GLN A 405 -21.26 -1.98 10.87
CA GLN A 405 -20.12 -1.10 10.66
C GLN A 405 -19.49 -0.67 11.98
N ARG A 406 -20.30 -0.53 13.04
CA ARG A 406 -19.68 -0.27 14.34
C ARG A 406 -18.98 -1.49 14.93
N ARG A 407 -19.52 -2.69 14.74
CA ARG A 407 -18.83 -3.88 15.21
C ARG A 407 -17.50 -4.04 14.49
N VAL A 408 -17.45 -3.63 13.21
CA VAL A 408 -16.21 -3.77 12.44
C VAL A 408 -15.17 -2.77 12.92
N LYS A 409 -15.57 -1.51 13.10
CA LYS A 409 -14.60 -0.53 13.60
C LYS A 409 -14.11 -0.92 14.99
N ALA A 410 -15.01 -1.41 15.85
CA ALA A 410 -14.60 -1.84 17.18
C ALA A 410 -13.64 -3.02 17.12
N PHE A 411 -13.93 -3.99 16.24
CA PHE A 411 -13.01 -5.09 16.03
C PHE A 411 -11.64 -4.57 15.57
N ALA A 412 -11.66 -3.62 14.63
CA ALA A 412 -10.43 -3.04 14.08
C ALA A 412 -9.60 -2.33 15.14
N GLU A 413 -10.25 -1.46 15.96
CA GLU A 413 -9.59 -0.84 17.10
C GLU A 413 -8.94 -1.86 18.01
N ASN A 414 -9.70 -2.89 18.41
CA ASN A 414 -9.17 -3.84 19.39
C ASN A 414 -7.98 -4.60 18.85
N LEU A 415 -8.04 -4.98 17.57
CA LEU A 415 -6.89 -5.64 16.97
C LEU A 415 -5.69 -4.69 16.92
N GLY A 416 -5.93 -3.44 16.50
CA GLY A 416 -4.85 -2.46 16.51
C GLY A 416 -4.22 -2.29 17.88
N ARG A 417 -5.07 -2.17 18.91
CA ARG A 417 -4.53 -1.97 20.26
C ARG A 417 -3.78 -3.21 20.75
N ARG A 418 -4.24 -4.40 20.36
CA ARG A 418 -3.50 -5.61 20.75
C ARG A 418 -2.12 -5.61 20.10
N ALA A 419 -2.02 -5.19 18.84
CA ALA A 419 -0.73 -5.11 18.19
C ALA A 419 0.18 -4.10 18.88
N LEU A 420 -0.37 -2.96 19.27
CA LEU A 420 0.44 -1.97 19.98
C LEU A 420 0.89 -2.49 21.34
N ALA A 421 0.04 -3.29 21.99
CA ALA A 421 0.44 -3.90 23.27
C ALA A 421 1.63 -4.85 23.10
N LEU A 422 1.80 -5.41 21.90
CA LEU A 422 2.89 -6.34 21.62
C LEU A 422 4.12 -5.65 21.07
N GLY A 423 4.19 -4.32 21.14
CA GLY A 423 5.34 -3.60 20.63
C GLY A 423 5.34 -3.36 19.14
N GLY A 424 4.22 -3.59 18.46
CA GLY A 424 4.11 -3.46 17.03
C GLY A 424 3.53 -2.13 16.60
N THR A 425 3.08 -2.08 15.34
CA THR A 425 2.53 -0.87 14.72
C THR A 425 1.14 -1.16 14.19
N CYS A 426 0.32 -0.11 14.11
CA CYS A 426 -1.06 -0.30 13.70
C CYS A 426 -1.17 -0.44 12.19
N THR A 427 -0.13 -0.06 11.44
CA THR A 427 -0.18 -0.20 9.98
C THR A 427 1.19 -0.50 9.43
N GLY A 428 1.33 -1.66 8.77
CA GLY A 428 2.58 -2.03 8.15
C GLY A 428 2.78 -1.41 6.79
N GLU A 429 1.70 -1.04 6.08
CA GLU A 429 1.86 -0.54 4.72
C GLU A 429 0.74 0.35 4.21
N HIS A 430 -0.51 0.16 4.69
CA HIS A 430 -1.63 0.88 4.09
C HIS A 430 -1.66 2.35 4.47
N GLY A 431 -1.17 2.69 5.64
CA GLY A 431 -1.22 4.06 6.12
C GLY A 431 -2.35 4.30 7.09
N ILE A 432 -2.48 5.56 7.47
CA ILE A 432 -3.39 6.01 8.52
C ILE A 432 -4.69 6.57 7.95
N GLY A 433 -4.57 7.44 6.94
CA GLY A 433 -5.73 8.10 6.36
C GLY A 433 -6.71 8.60 7.37
N LEU A 434 -7.97 8.21 7.20
CA LEU A 434 -9.03 8.57 8.14
C LEU A 434 -9.23 7.57 9.26
N GLY A 435 -8.86 6.31 9.07
CA GLY A 435 -9.32 5.35 10.04
C GLY A 435 -8.41 5.01 11.19
N LYS A 436 -7.11 5.32 11.11
CA LYS A 436 -6.23 4.92 12.20
C LYS A 436 -5.65 6.12 12.94
N ARG A 437 -6.31 7.29 12.90
CA ARG A 437 -5.68 8.46 13.52
C ARG A 437 -5.57 8.32 15.03
N GLN A 438 -6.54 7.67 15.66
CA GLN A 438 -6.47 7.56 17.11
C GLN A 438 -5.43 6.52 17.52
N LEU A 439 -5.31 5.44 16.74
CA LEU A 439 -4.27 4.44 16.99
C LEU A 439 -2.87 5.04 16.87
N LEU A 440 -2.66 5.90 15.87
CA LEU A 440 -1.34 6.53 15.72
C LEU A 440 -0.97 7.33 16.96
N GLN A 441 -1.94 8.08 17.50
CA GLN A 441 -1.68 8.84 18.73
C GLN A 441 -1.23 7.91 19.84
N GLU A 442 -1.87 6.75 19.99
CA GLU A 442 -1.41 5.80 21.02
C GLU A 442 -0.05 5.24 20.68
N GLU A 443 0.21 4.99 19.40
CA GLU A 443 1.45 4.32 18.98
C GLU A 443 2.69 5.16 19.31
N VAL A 444 2.67 6.47 19.04
CA VAL A 444 3.88 7.27 19.19
C VAL A 444 3.82 8.24 20.36
N GLY A 445 2.67 8.40 21.02
CA GLY A 445 2.60 9.17 22.23
C GLY A 445 2.66 10.67 22.00
N PRO A 446 2.56 11.44 23.08
CA PRO A 446 2.43 12.89 22.92
C PRO A 446 3.61 13.56 22.25
N VAL A 447 4.84 13.14 22.54
CA VAL A 447 5.97 13.83 21.95
C VAL A 447 6.11 13.44 20.49
N GLY A 448 5.81 12.19 20.16
CA GLY A 448 5.77 11.78 18.76
C GLY A 448 4.72 12.51 17.95
N VAL A 449 3.51 12.63 18.50
CA VAL A 449 2.46 13.36 17.80
C VAL A 449 2.86 14.81 17.57
N GLU A 450 3.34 15.49 18.62
CA GLU A 450 3.68 16.89 18.47
C GLU A 450 4.80 17.08 17.45
N THR A 451 5.79 16.19 17.49
CA THR A 451 6.90 16.30 16.54
C THR A 451 6.40 16.11 15.11
N MET A 452 5.56 15.10 14.89
CA MET A 452 4.97 14.94 13.56
C MET A 452 4.18 16.17 13.14
N ARG A 453 3.43 16.74 14.07
CA ARG A 453 2.63 17.90 13.73
C ARG A 453 3.50 19.12 13.46
N GLN A 454 4.64 19.23 14.13
CA GLN A 454 5.52 20.36 13.86
C GLN A 454 6.09 20.28 12.47
N LEU A 455 6.41 19.07 12.00
CA LEU A 455 6.86 18.88 10.62
C LEU A 455 5.75 19.21 9.63
N LYS A 456 4.53 18.72 9.88
CA LYS A 456 3.39 19.10 9.05
C LYS A 456 3.22 20.62 8.99
N ASN A 457 3.35 21.29 10.13
CA ASN A 457 3.13 22.73 10.14
C ASN A 457 4.22 23.48 9.39
N THR A 458 5.47 23.01 9.42
CA THR A 458 6.44 23.83 8.69
C THR A 458 6.29 23.66 7.19
N LEU A 459 5.89 22.47 6.72
CA LEU A 459 5.70 22.27 5.29
C LEU A 459 4.36 22.80 4.80
N ASP A 460 3.32 22.74 5.65
CA ASP A 460 1.95 23.12 5.29
C ASP A 460 1.38 24.04 6.36
N PRO A 461 1.86 25.28 6.46
CA PRO A 461 1.42 26.14 7.57
C PRO A 461 -0.08 26.31 7.63
N ARG A 462 -0.75 26.44 6.49
CA ARG A 462 -2.18 26.71 6.49
C ARG A 462 -3.03 25.46 6.65
N GLY A 463 -2.42 24.28 6.73
CA GLY A 463 -3.18 23.05 6.91
C GLY A 463 -4.06 22.69 5.74
N LEU A 464 -3.67 23.05 4.52
CA LEU A 464 -4.49 22.81 3.35
C LEU A 464 -4.07 21.58 2.55
N MET A 465 -2.97 20.95 2.91
CA MET A 465 -2.47 19.77 2.21
C MET A 465 -3.17 18.53 2.77
N ASN A 466 -4.23 18.07 2.06
CA ASN A 466 -5.05 16.92 2.44
C ASN A 466 -5.48 16.95 3.91
N PRO A 467 -6.29 17.91 4.31
CA PRO A 467 -6.62 18.03 5.74
C PRO A 467 -7.48 16.89 6.24
N GLY A 468 -7.36 16.63 7.54
CA GLY A 468 -8.13 15.59 8.19
C GLY A 468 -7.53 14.21 8.14
N LYS A 469 -6.33 14.06 7.55
CA LYS A 469 -5.71 12.76 7.37
C LYS A 469 -4.44 12.67 8.21
N VAL A 470 -4.18 11.46 8.70
CA VAL A 470 -2.98 11.07 9.46
C VAL A 470 -2.97 11.70 10.85
N LEU A 471 -2.86 13.02 10.93
CA LEU A 471 -2.84 13.70 12.21
C LEU A 471 -4.21 14.31 12.49
PA FAD B . -4.72 6.98 -3.83
O1A FAD B . -4.93 7.74 -5.07
O2A FAD B . -5.92 6.26 -3.22
O5B FAD B . -4.08 7.92 -2.71
C5B FAD B . -3.62 7.34 -1.47
C4B FAD B . -3.10 8.44 -0.55
O4B FAD B . -1.86 8.93 -1.08
C3B FAD B . -4.02 9.66 -0.43
O3B FAD B . -3.90 10.23 0.87
C2B FAD B . -3.49 10.60 -1.51
O2B FAD B . -3.73 11.97 -1.22
C1B FAD B . -2.00 10.28 -1.49
N9A FAD B . -1.33 10.42 -2.77
C8A FAD B . -1.56 9.72 -3.93
N7A FAD B . -0.76 10.04 -4.92
C5A FAD B . 0.06 11.02 -4.37
C6A FAD B . 1.10 11.79 -4.90
N6A FAD B . 1.55 11.67 -6.15
N1A FAD B . 1.71 12.69 -4.08
C2A FAD B . 1.28 12.80 -2.82
N3A FAD B . 0.29 12.14 -2.22
C4A FAD B . -0.28 11.26 -3.05
N1 FAD B . -1.20 -1.40 -0.44
C2 FAD B . -0.03 -1.95 0.00
O2 FAD B . 0.84 -1.28 0.57
N3 FAD B . 0.25 -3.28 -0.26
C4 FAD B . -0.59 -4.18 -0.90
O4 FAD B . -0.23 -5.35 -1.02
C4X FAD B . -1.84 -3.60 -1.35
N5 FAD B . -2.69 -4.38 -1.99
C5X FAD B . -3.88 -3.84 -2.42
C6 FAD B . -4.78 -4.64 -3.11
C7 FAD B . -5.99 -4.12 -3.57
C7M FAD B . -6.95 -5.03 -4.30
C8 FAD B . -6.31 -2.78 -3.34
C8M FAD B . -7.61 -2.19 -3.81
C9 FAD B . -5.40 -1.96 -2.66
C9A FAD B . -4.20 -2.48 -2.21
N10 FAD B . -3.25 -1.67 -1.53
C10 FAD B . -2.06 -2.20 -1.08
C1' FAD B . -3.56 -0.26 -1.22
C2' FAD B . -3.19 0.73 -2.31
O2' FAD B . -3.07 0.08 -3.57
C3' FAD B . -1.85 1.38 -1.98
O3' FAD B . -2.00 2.05 -0.74
C4' FAD B . -1.34 2.33 -3.06
O4' FAD B . -0.03 2.77 -2.69
C5' FAD B . -2.26 3.52 -3.26
O5' FAD B . -1.86 4.25 -4.44
P FAD B . -2.90 5.14 -5.21
O1P FAD B . -2.21 6.11 -6.19
O2P FAD B . -3.97 4.24 -5.81
O3P FAD B . -3.52 5.95 -4.00
MN MN C . -0.94 -6.08 1.52
C01 69O D . -6.33 -4.04 0.41
C02 69O D . -6.06 -5.04 1.54
C03 69O D . -5.40 -6.26 0.92
C04 69O D . -3.89 -6.12 0.70
O05 69O D . -3.23 -5.19 1.05
C06 69O D . -3.20 -7.27 0.01
O07 69O D . -2.08 -7.60 0.43
O08 69O D . -3.75 -7.87 -0.97
#